data_2OWZ
#
_entry.id   2OWZ
#
_cell.length_a   45.315
_cell.length_b   83.332
_cell.length_c   173.415
_cell.angle_alpha   90.00
_cell.angle_beta   90.00
_cell.angle_gamma   90.00
#
_symmetry.space_group_name_H-M   'I 2 2 2'
#
loop_
_entity.id
_entity.type
_entity.pdbx_description
1 polymer Fructose-1,6-bisphosphatase
2 non-polymer 6-O-phosphono-beta-D-fructofuranose
3 non-polymer 'CITRIC ACID'
4 water water
#
_entity_poly.entity_id   1
_entity_poly.type   'polypeptide(L)'
_entity_poly.pdbx_seq_one_letter_code
;(MSE)KTLGEFIVEKQHEFSHATGELTALLSAIKLGAKIIHRDINKAGLVDILGASGAENVQGEVQQKLDLFANEKLKAA
LKARDIVAGIASEEEDEIVVFEGCEHAKYVVL(MSE)DPLDGSSNIDVNVSVGTIFSIYRRVTPVGTPVTEEDFLQPGNK
QVAAGYVVYGSST(MSE)LVYTTGCGVHAFTYDPSLGVFCLCQER(MSE)RFPEKGKTYSINEGNYIKFPNGVKKYIKFC
QEEDKSTNRPYTSRYIGSLVADFHRNLLKGGIYLYPSTASHPDGKLRLLYECNP(MSE)AFLAEQAGGKASDGKERILDI
IPETLHQRRSFFVGNDH(MSE)VEDVERFIREFPDA
;
_entity_poly.pdbx_strand_id   A
#
loop_
_chem_comp.id
_chem_comp.type
_chem_comp.name
_chem_comp.formula
CIT non-polymer 'CITRIC ACID' 'C6 H8 O7'
F6P D-saccharide, beta linking 6-O-phosphono-beta-D-fructofuranose 'C6 H13 O9 P'
#
# COMPACT_ATOMS: atom_id res chain seq x y z
N MSE A 1 -15.26 -13.20 18.75
CA MSE A 1 -14.10 -12.35 18.36
C MSE A 1 -12.85 -13.20 18.12
O MSE A 1 -12.59 -14.15 18.85
CB MSE A 1 -13.84 -11.30 19.45
CG MSE A 1 -12.69 -10.34 19.18
SE MSE A 1 -10.96 -11.07 19.69
CE MSE A 1 -11.10 -10.76 21.61
N LYS A 2 -12.10 -12.86 17.08
CA LYS A 2 -10.89 -13.60 16.75
C LYS A 2 -9.76 -12.61 16.52
N THR A 3 -8.61 -12.85 17.13
CA THR A 3 -7.48 -11.93 16.97
C THR A 3 -6.69 -12.21 15.70
N LEU A 4 -5.88 -11.23 15.32
CA LEU A 4 -5.03 -11.33 14.15
C LEU A 4 -4.13 -12.54 14.34
N GLY A 5 -3.54 -12.65 15.53
CA GLY A 5 -2.65 -13.75 15.83
C GLY A 5 -3.31 -15.10 15.70
N GLU A 6 -4.55 -15.21 16.18
CA GLU A 6 -5.26 -16.47 16.08
C GLU A 6 -5.61 -16.79 14.63
N PHE A 7 -5.98 -15.75 13.89
CA PHE A 7 -6.35 -15.88 12.49
C PHE A 7 -5.20 -16.44 11.67
N ILE A 8 -3.99 -15.93 11.94
CA ILE A 8 -2.80 -16.38 11.22
C ILE A 8 -2.60 -17.88 11.45
N VAL A 9 -2.77 -18.32 12.70
CA VAL A 9 -2.63 -19.73 13.04
C VAL A 9 -3.65 -20.56 12.27
N GLU A 10 -4.90 -20.12 12.31
CA GLU A 10 -6.01 -20.80 11.65
C GLU A 10 -5.82 -20.97 10.12
N LYS A 11 -5.16 -20.01 9.47
CA LYS A 11 -4.93 -20.09 8.03
C LYS A 11 -3.55 -20.66 7.74
N GLN A 12 -3.33 -21.91 8.13
CA GLN A 12 -2.05 -22.59 7.94
C GLN A 12 -1.59 -22.72 6.49
N HIS A 13 -2.53 -22.80 5.56
CA HIS A 13 -2.17 -22.96 4.15
C HIS A 13 -1.62 -21.71 3.49
N GLU A 14 -2.02 -20.54 3.96
CA GLU A 14 -1.51 -19.30 3.38
C GLU A 14 0.00 -19.21 3.61
N PHE A 15 0.59 -18.12 3.13
CA PHE A 15 2.03 -17.88 3.28
C PHE A 15 2.94 -19.09 3.07
N SER A 16 2.54 -19.99 2.18
CA SER A 16 3.35 -21.17 1.89
C SER A 16 3.58 -22.06 3.12
N HIS A 17 2.55 -22.19 3.95
CA HIS A 17 2.59 -23.02 5.16
C HIS A 17 3.64 -22.64 6.21
N ALA A 18 4.32 -21.51 6.01
CA ALA A 18 5.32 -21.05 6.97
C ALA A 18 4.64 -20.17 8.02
N THR A 19 3.63 -20.74 8.69
CA THR A 19 2.86 -20.03 9.71
C THR A 19 3.67 -19.31 10.77
N GLY A 20 4.63 -20.00 11.39
CA GLY A 20 5.45 -19.42 12.42
C GLY A 20 6.16 -18.13 12.02
N GLU A 21 6.58 -18.07 10.77
CA GLU A 21 7.29 -16.89 10.27
C GLU A 21 6.34 -15.73 9.97
N LEU A 22 5.14 -16.03 9.47
CA LEU A 22 4.19 -14.96 9.19
C LEU A 22 3.86 -14.28 10.53
N THR A 23 3.57 -15.10 11.54
CA THR A 23 3.24 -14.61 12.89
C THR A 23 4.31 -13.62 13.38
N ALA A 24 5.57 -13.99 13.24
CA ALA A 24 6.66 -13.12 13.67
C ALA A 24 6.66 -11.82 12.86
N LEU A 25 6.46 -11.95 11.55
CA LEU A 25 6.43 -10.79 10.66
C LEU A 25 5.33 -9.79 11.04
N LEU A 26 4.10 -10.27 11.17
CA LEU A 26 3.01 -9.37 11.51
C LEU A 26 3.12 -8.89 12.96
N SER A 27 3.81 -9.63 13.80
CA SER A 27 3.98 -9.20 15.19
C SER A 27 4.85 -7.95 15.18
N ALA A 28 5.84 -7.92 14.31
CA ALA A 28 6.71 -6.75 14.22
C ALA A 28 5.85 -5.58 13.74
N ILE A 29 5.07 -5.83 12.71
CA ILE A 29 4.21 -4.79 12.15
C ILE A 29 3.24 -4.20 13.17
N LYS A 30 2.39 -5.04 13.76
CA LYS A 30 1.42 -4.50 14.69
C LYS A 30 2.06 -3.76 15.87
N LEU A 31 3.23 -4.20 16.34
CA LEU A 31 3.90 -3.50 17.43
C LEU A 31 4.28 -2.10 16.95
N GLY A 32 4.87 -2.03 15.76
CA GLY A 32 5.25 -0.75 15.22
C GLY A 32 4.01 0.10 15.03
N ALA A 33 2.93 -0.53 14.58
CA ALA A 33 1.67 0.18 14.36
C ALA A 33 1.12 0.73 15.69
N LYS A 34 1.25 -0.06 16.76
CA LYS A 34 0.77 0.37 18.07
C LYS A 34 1.58 1.56 18.61
N ILE A 35 2.89 1.52 18.39
CA ILE A 35 3.78 2.58 18.85
C ILE A 35 3.47 3.88 18.11
N ILE A 36 3.39 3.80 16.79
CA ILE A 36 3.10 4.98 15.98
C ILE A 36 1.73 5.54 16.36
N HIS A 37 0.76 4.65 16.47
CA HIS A 37 -0.60 5.02 16.83
C HIS A 37 -0.61 5.90 18.09
N ARG A 38 0.14 5.47 19.09
CA ARG A 38 0.22 6.18 20.35
C ARG A 38 0.73 7.60 20.16
N ASP A 39 1.78 7.77 19.37
CA ASP A 39 2.31 9.11 19.14
C ASP A 39 1.40 9.99 18.31
N ILE A 40 0.66 9.38 17.38
CA ILE A 40 -0.26 10.12 16.50
C ILE A 40 -1.53 10.52 17.24
N ASN A 41 -2.04 9.61 18.07
CA ASN A 41 -3.27 9.84 18.83
C ASN A 41 -3.10 10.97 19.85
N LYS A 42 -1.87 11.43 20.00
CA LYS A 42 -1.57 12.51 20.93
C LYS A 42 -0.60 13.47 20.28
N ALA A 43 -0.68 13.56 18.95
CA ALA A 43 0.18 14.45 18.18
C ALA A 43 -0.13 15.88 18.57
N GLY A 44 -1.41 16.17 18.76
CA GLY A 44 -1.81 17.51 19.16
C GLY A 44 -1.29 17.84 20.54
N LEU A 45 -1.42 16.90 21.46
CA LEU A 45 -0.97 17.09 22.83
C LEU A 45 0.52 17.37 22.88
N GLN A 63 6.58 15.75 9.40
CA GLN A 63 7.96 15.46 9.04
C GLN A 63 8.64 14.63 10.14
N LYS A 64 8.57 15.14 11.37
CA LYS A 64 9.18 14.48 12.53
C LYS A 64 8.62 13.08 12.77
N LEU A 65 7.33 12.91 12.52
CA LEU A 65 6.71 11.61 12.72
C LEU A 65 7.19 10.58 11.70
N ASP A 66 7.64 11.04 10.54
CA ASP A 66 8.14 10.14 9.50
C ASP A 66 9.35 9.40 10.05
N LEU A 67 10.24 10.17 10.68
CA LEU A 67 11.46 9.62 11.26
C LEU A 67 11.13 8.68 12.41
N PHE A 68 10.21 9.12 13.26
CA PHE A 68 9.80 8.30 14.40
C PHE A 68 9.26 6.97 13.90
N ALA A 69 8.31 7.05 12.96
CA ALA A 69 7.70 5.84 12.40
C ALA A 69 8.77 4.95 11.78
N ASN A 70 9.68 5.56 11.02
CA ASN A 70 10.75 4.82 10.35
C ASN A 70 11.63 4.09 11.36
N GLU A 71 12.01 4.78 12.43
CA GLU A 71 12.86 4.18 13.47
C GLU A 71 12.15 3.06 14.23
N LYS A 72 10.91 3.30 14.64
CA LYS A 72 10.17 2.28 15.40
C LYS A 72 9.90 1.01 14.59
N LEU A 73 9.54 1.15 13.31
CA LEU A 73 9.27 -0.02 12.48
C LEU A 73 10.55 -0.78 12.20
N LYS A 74 11.63 -0.04 11.98
CA LYS A 74 12.94 -0.64 11.71
C LYS A 74 13.42 -1.43 12.92
N ALA A 75 13.34 -0.83 14.11
CA ALA A 75 13.77 -1.51 15.33
C ALA A 75 12.92 -2.74 15.60
N ALA A 76 11.62 -2.65 15.35
CA ALA A 76 10.71 -3.77 15.60
C ALA A 76 11.00 -4.96 14.70
N LEU A 77 11.14 -4.71 13.40
CA LEU A 77 11.43 -5.79 12.47
C LEU A 77 12.73 -6.51 12.82
N LYS A 78 13.75 -5.75 13.20
CA LYS A 78 15.03 -6.33 13.57
C LYS A 78 14.93 -7.22 14.82
N ALA A 79 14.18 -6.75 15.81
CA ALA A 79 13.99 -7.46 17.06
C ALA A 79 13.30 -8.82 16.93
N ARG A 80 12.66 -9.08 15.79
CA ARG A 80 12.00 -10.38 15.60
C ARG A 80 12.98 -11.39 15.06
N ASP A 81 14.16 -10.90 14.68
CA ASP A 81 15.21 -11.78 14.16
C ASP A 81 14.61 -12.69 13.09
N ILE A 82 13.89 -12.11 12.15
CA ILE A 82 13.26 -12.89 11.08
C ILE A 82 13.46 -12.23 9.71
N VAL A 83 13.93 -10.99 9.73
CA VAL A 83 14.17 -10.21 8.50
C VAL A 83 15.66 -9.92 8.31
N ALA A 84 16.16 -10.20 7.11
CA ALA A 84 17.57 -9.97 6.79
C ALA A 84 17.91 -8.49 6.68
N GLY A 85 16.96 -7.69 6.22
CA GLY A 85 17.20 -6.26 6.08
C GLY A 85 16.00 -5.52 5.53
N ILE A 86 16.02 -4.19 5.56
CA ILE A 86 14.88 -3.44 5.05
C ILE A 86 15.23 -2.33 4.08
N ALA A 87 14.20 -1.82 3.42
CA ALA A 87 14.33 -0.72 2.49
C ALA A 87 13.20 0.23 2.86
N SER A 88 13.55 1.47 3.15
CA SER A 88 12.55 2.45 3.55
C SER A 88 12.53 3.63 2.59
N GLU A 89 11.34 4.19 2.38
CA GLU A 89 11.16 5.33 1.49
C GLU A 89 12.00 6.49 2.03
N GLU A 90 12.26 6.45 3.33
CA GLU A 90 13.05 7.47 4.01
C GLU A 90 14.55 7.26 3.74
N GLU A 91 14.99 6.01 3.88
CA GLU A 91 16.38 5.62 3.69
C GLU A 91 16.83 5.74 2.23
N ASP A 92 18.07 6.17 2.03
CA ASP A 92 18.62 6.29 0.68
C ASP A 92 19.18 4.93 0.27
N GLU A 93 19.82 4.26 1.22
CA GLU A 93 20.40 2.94 0.98
C GLU A 93 19.56 1.90 1.70
N ILE A 94 19.83 0.62 1.43
CA ILE A 94 19.10 -0.43 2.10
C ILE A 94 19.70 -0.58 3.49
N VAL A 95 18.98 -1.23 4.38
CA VAL A 95 19.48 -1.42 5.73
C VAL A 95 19.66 -2.90 6.00
N VAL A 96 20.92 -3.31 6.10
CA VAL A 96 21.26 -4.70 6.37
C VAL A 96 21.28 -4.94 7.88
N PHE A 97 20.56 -5.96 8.33
CA PHE A 97 20.56 -6.25 9.76
C PHE A 97 21.72 -7.15 10.14
N GLU A 98 22.72 -6.54 10.78
CA GLU A 98 23.90 -7.28 11.23
C GLU A 98 23.45 -8.30 12.27
N GLY A 99 23.70 -9.57 11.98
CA GLY A 99 23.31 -10.62 12.90
C GLY A 99 22.06 -11.32 12.43
N CYS A 100 21.52 -10.87 11.30
CA CYS A 100 20.30 -11.47 10.76
C CYS A 100 20.53 -12.10 9.39
N GLU A 101 21.80 -12.30 9.02
CA GLU A 101 22.15 -12.89 7.74
C GLU A 101 21.42 -14.21 7.50
N HIS A 102 21.05 -14.88 8.59
CA HIS A 102 20.34 -16.16 8.49
C HIS A 102 18.88 -15.96 8.07
N ALA A 103 18.38 -14.73 8.21
CA ALA A 103 17.01 -14.44 7.83
C ALA A 103 16.82 -14.61 6.32
N LYS A 104 15.62 -15.03 5.92
CA LYS A 104 15.31 -15.24 4.51
C LYS A 104 14.22 -14.32 3.95
N TYR A 105 13.88 -13.28 4.71
CA TYR A 105 12.87 -12.32 4.29
C TYR A 105 13.41 -10.89 4.29
N VAL A 106 12.89 -10.09 3.38
CA VAL A 106 13.27 -8.69 3.31
C VAL A 106 11.95 -7.92 3.30
N VAL A 107 11.98 -6.68 3.78
CA VAL A 107 10.79 -5.86 3.85
C VAL A 107 11.01 -4.46 3.33
N LEU A 108 10.12 -4.01 2.45
CA LEU A 108 10.19 -2.66 1.93
C LEU A 108 9.01 -1.93 2.56
N MSE A 109 9.23 -0.69 2.96
CA MSE A 109 8.14 0.03 3.61
C MSE A 109 8.09 1.53 3.44
O MSE A 109 9.09 2.18 3.15
CB MSE A 109 8.19 -0.26 5.11
CG MSE A 109 9.60 -0.08 5.70
SE MSE A 109 9.66 -0.03 7.64
CE MSE A 109 11.26 1.02 7.85
N ASP A 110 6.88 2.06 3.60
CA ASP A 110 6.62 3.49 3.59
C ASP A 110 6.12 3.67 5.01
N PRO A 111 7.02 4.01 5.95
CA PRO A 111 6.67 4.19 7.36
C PRO A 111 5.48 5.10 7.66
N LEU A 112 5.38 6.22 6.95
CA LEU A 112 4.27 7.11 7.21
C LEU A 112 3.76 7.79 5.96
N ASP A 113 2.85 7.10 5.27
CA ASP A 113 2.25 7.59 4.04
C ASP A 113 1.21 8.67 4.31
N GLY A 114 1.41 9.86 3.75
CA GLY A 114 0.43 10.92 3.94
C GLY A 114 0.92 11.99 4.89
N SER A 115 2.20 12.35 4.71
CA SER A 115 2.87 13.36 5.52
C SER A 115 2.06 14.62 5.81
N SER A 116 1.46 15.19 4.76
CA SER A 116 0.68 16.42 4.90
C SER A 116 -0.59 16.32 5.75
N ASN A 117 -0.84 15.17 6.36
CA ASN A 117 -2.05 14.99 7.15
C ASN A 117 -1.88 14.93 8.67
N ILE A 118 -0.68 14.65 9.15
CA ILE A 118 -0.45 14.57 10.59
C ILE A 118 -0.91 15.78 11.40
N ASP A 119 -0.45 16.97 11.01
CA ASP A 119 -0.78 18.21 11.72
C ASP A 119 -2.24 18.60 11.61
N VAL A 120 -2.94 18.04 10.63
CA VAL A 120 -4.34 18.39 10.46
C VAL A 120 -5.32 17.33 10.94
N ASN A 121 -4.83 16.40 11.76
CA ASN A 121 -5.65 15.32 12.33
C ASN A 121 -6.37 14.49 11.28
N VAL A 122 -5.76 14.40 10.10
CA VAL A 122 -6.32 13.63 9.02
C VAL A 122 -5.61 12.29 8.90
N SER A 123 -6.34 11.27 8.43
CA SER A 123 -5.83 9.92 8.25
C SER A 123 -4.49 9.83 7.50
N VAL A 124 -3.61 8.97 8.03
CA VAL A 124 -2.31 8.70 7.41
C VAL A 124 -2.14 7.19 7.57
N GLY A 125 -1.10 6.63 6.98
CA GLY A 125 -0.93 5.21 7.12
C GLY A 125 0.49 4.71 7.01
N THR A 126 0.63 3.40 7.07
CA THR A 126 1.92 2.74 6.94
C THR A 126 1.75 1.66 5.89
N ILE A 127 2.72 1.52 4.99
CA ILE A 127 2.64 0.49 3.96
C ILE A 127 3.86 -0.43 4.04
N PHE A 128 3.63 -1.73 3.89
CA PHE A 128 4.74 -2.68 3.91
C PHE A 128 4.60 -3.71 2.80
N SER A 129 5.76 -4.19 2.35
CA SER A 129 5.85 -5.18 1.28
C SER A 129 6.91 -6.19 1.72
N ILE A 130 6.62 -7.47 1.57
CA ILE A 130 7.55 -8.50 2.01
C ILE A 130 7.97 -9.46 0.89
N TYR A 131 9.28 -9.61 0.71
CA TYR A 131 9.82 -10.48 -0.32
C TYR A 131 10.71 -11.55 0.27
N ARG A 132 10.81 -12.68 -0.45
CA ARG A 132 11.69 -13.76 -0.05
C ARG A 132 12.97 -13.39 -0.80
N ARG A 133 14.11 -13.40 -0.10
CA ARG A 133 15.39 -13.04 -0.70
C ARG A 133 15.82 -13.96 -1.83
N VAL A 134 16.66 -13.44 -2.72
CA VAL A 134 17.18 -14.21 -3.84
C VAL A 134 18.60 -14.64 -3.53
N THR A 135 19.34 -13.79 -2.81
CA THR A 135 20.71 -14.10 -2.42
C THR A 135 20.75 -15.18 -1.35
N PRO A 136 21.82 -15.99 -1.33
CA PRO A 136 22.02 -17.08 -0.38
C PRO A 136 21.95 -16.67 1.08
N VAL A 137 21.30 -17.48 1.91
CA VAL A 137 21.22 -17.19 3.34
C VAL A 137 22.64 -17.13 3.88
N GLY A 138 22.83 -16.51 5.04
CA GLY A 138 24.16 -16.41 5.62
C GLY A 138 24.93 -15.24 5.06
N THR A 139 24.52 -14.77 3.89
CA THR A 139 25.17 -13.64 3.24
C THR A 139 24.34 -12.39 3.47
N PRO A 140 24.95 -11.21 3.37
CA PRO A 140 24.21 -9.97 3.57
C PRO A 140 23.35 -9.71 2.33
N VAL A 141 22.14 -9.21 2.54
CA VAL A 141 21.25 -8.93 1.42
C VAL A 141 21.81 -7.80 0.56
N THR A 142 21.34 -7.69 -0.67
CA THR A 142 21.79 -6.66 -1.59
C THR A 142 20.58 -6.05 -2.29
N GLU A 143 20.77 -4.93 -2.99
CA GLU A 143 19.65 -4.30 -3.69
C GLU A 143 18.94 -5.33 -4.56
N GLU A 144 19.66 -6.35 -4.98
CA GLU A 144 19.08 -7.39 -5.83
C GLU A 144 17.85 -7.97 -5.17
N ASP A 145 17.92 -8.11 -3.85
CA ASP A 145 16.81 -8.66 -3.08
C ASP A 145 15.62 -7.70 -3.00
N PHE A 146 15.88 -6.41 -3.13
CA PHE A 146 14.81 -5.41 -3.06
C PHE A 146 14.29 -4.91 -4.41
N LEU A 147 14.91 -5.37 -5.50
CA LEU A 147 14.50 -4.94 -6.84
C LEU A 147 13.71 -5.96 -7.64
N GLN A 148 13.05 -6.88 -6.94
CA GLN A 148 12.26 -7.91 -7.60
C GLN A 148 10.91 -7.31 -8.00
N PRO A 149 10.30 -7.84 -9.08
CA PRO A 149 9.00 -7.30 -9.49
C PRO A 149 7.92 -7.56 -8.45
N GLY A 150 6.92 -6.67 -8.42
CA GLY A 150 5.84 -6.79 -7.46
C GLY A 150 5.13 -8.12 -7.45
N ASN A 151 5.21 -8.87 -8.54
CA ASN A 151 4.53 -10.17 -8.60
C ASN A 151 5.21 -11.25 -7.76
N LYS A 152 6.34 -10.93 -7.14
CA LYS A 152 7.06 -11.89 -6.30
C LYS A 152 6.78 -11.69 -4.81
N GLN A 153 6.09 -10.62 -4.44
CA GLN A 153 5.80 -10.36 -3.02
C GLN A 153 5.09 -11.55 -2.41
N VAL A 154 5.45 -11.88 -1.18
CA VAL A 154 4.79 -12.99 -0.50
C VAL A 154 3.75 -12.40 0.45
N ALA A 155 3.88 -11.11 0.73
CA ALA A 155 2.93 -10.45 1.61
C ALA A 155 2.95 -8.95 1.41
N ALA A 156 1.80 -8.33 1.61
CA ALA A 156 1.66 -6.90 1.48
C ALA A 156 0.47 -6.48 2.32
N GLY A 157 0.53 -5.24 2.80
CA GLY A 157 -0.55 -4.73 3.60
C GLY A 157 -0.28 -3.30 4.02
N TYR A 158 -1.20 -2.74 4.81
CA TYR A 158 -1.04 -1.40 5.28
C TYR A 158 -1.73 -1.25 6.62
N VAL A 159 -1.42 -0.15 7.30
CA VAL A 159 -2.01 0.17 8.59
C VAL A 159 -2.60 1.56 8.39
N VAL A 160 -3.90 1.70 8.65
CA VAL A 160 -4.50 3.01 8.49
C VAL A 160 -4.79 3.56 9.88
N TYR A 161 -4.31 4.76 10.14
CA TYR A 161 -4.51 5.41 11.43
C TYR A 161 -5.61 6.45 11.25
N GLY A 162 -6.87 6.04 11.44
CA GLY A 162 -7.98 6.95 11.31
C GLY A 162 -8.79 7.05 12.59
N SER A 163 -10.11 7.23 12.46
CA SER A 163 -10.99 7.30 13.64
C SER A 163 -10.66 6.08 14.49
N SER A 164 -10.31 4.99 13.81
CA SER A 164 -9.90 3.77 14.48
C SER A 164 -8.63 3.36 13.72
N THR A 165 -7.84 2.46 14.30
CA THR A 165 -6.61 1.99 13.67
C THR A 165 -6.83 0.58 13.15
N MSE A 166 -6.58 0.40 11.87
CA MSE A 166 -6.79 -0.89 11.21
C MSE A 166 -5.57 -1.39 10.46
O MSE A 166 -4.78 -0.62 9.92
CB MSE A 166 -7.95 -0.77 10.22
CG MSE A 166 -9.27 -0.39 10.86
SE MSE A 166 -10.60 0.00 9.49
CE MSE A 166 -11.13 -1.81 9.10
N LEU A 167 -5.42 -2.71 10.42
CA LEU A 167 -4.32 -3.33 9.72
C LEU A 167 -4.96 -4.20 8.65
N VAL A 168 -4.49 -4.03 7.41
CA VAL A 168 -5.00 -4.79 6.26
C VAL A 168 -3.83 -5.48 5.54
N TYR A 169 -3.97 -6.77 5.23
CA TYR A 169 -2.89 -7.47 4.54
C TYR A 169 -3.33 -8.67 3.69
N THR A 170 -2.41 -9.17 2.88
CA THR A 170 -2.66 -10.33 2.02
C THR A 170 -1.39 -11.13 1.78
N THR A 171 -1.56 -12.44 1.57
CA THR A 171 -0.43 -13.32 1.25
C THR A 171 -0.73 -13.99 -0.07
N GLY A 172 -1.88 -13.66 -0.66
CA GLY A 172 -2.26 -14.24 -1.94
C GLY A 172 -3.56 -15.02 -1.88
N CYS A 173 -4.18 -15.01 -0.70
CA CYS A 173 -5.44 -15.72 -0.50
C CYS A 173 -6.48 -14.78 0.09
N GLY A 174 -6.75 -13.70 -0.62
CA GLY A 174 -7.72 -12.73 -0.14
C GLY A 174 -7.09 -11.62 0.66
N VAL A 175 -7.90 -10.63 0.98
CA VAL A 175 -7.46 -9.46 1.74
C VAL A 175 -8.18 -9.49 3.09
N HIS A 176 -7.41 -9.49 4.17
CA HIS A 176 -8.00 -9.52 5.51
C HIS A 176 -7.74 -8.22 6.26
N ALA A 177 -8.79 -7.70 6.90
CA ALA A 177 -8.70 -6.46 7.67
C ALA A 177 -8.96 -6.73 9.15
N PHE A 178 -8.25 -6.00 10.00
CA PHE A 178 -8.38 -6.15 11.44
C PHE A 178 -8.46 -4.75 12.05
N THR A 179 -9.25 -4.62 13.12
CA THR A 179 -9.39 -3.34 13.80
C THR A 179 -8.81 -3.43 15.20
N TYR A 180 -7.97 -2.46 15.55
CA TYR A 180 -7.34 -2.43 16.88
C TYR A 180 -8.35 -2.05 17.96
N ASP A 181 -8.41 -2.83 19.03
CA ASP A 181 -9.34 -2.55 20.13
C ASP A 181 -8.55 -2.03 21.33
N PRO A 182 -8.56 -0.71 21.55
CA PRO A 182 -7.84 -0.09 22.67
C PRO A 182 -8.23 -0.71 24.01
N SER A 183 -9.49 -1.11 24.15
CA SER A 183 -9.97 -1.73 25.38
C SER A 183 -9.17 -3.00 25.69
N LEU A 184 -8.88 -3.77 24.66
CA LEU A 184 -8.15 -5.02 24.84
C LEU A 184 -6.66 -4.94 24.57
N GLY A 185 -6.29 -4.07 23.64
CA GLY A 185 -4.89 -3.92 23.28
C GLY A 185 -4.55 -4.97 22.23
N VAL A 186 -5.55 -5.39 21.45
CA VAL A 186 -5.32 -6.40 20.41
C VAL A 186 -6.03 -6.05 19.09
N PHE A 187 -5.56 -6.63 18.00
CA PHE A 187 -6.18 -6.41 16.71
C PHE A 187 -7.20 -7.54 16.53
N CYS A 188 -8.42 -7.18 16.14
CA CYS A 188 -9.49 -8.16 15.95
C CYS A 188 -9.97 -8.19 14.51
N LEU A 189 -10.31 -9.39 14.06
CA LEU A 189 -10.81 -9.60 12.70
C LEU A 189 -12.15 -8.90 12.51
N CYS A 190 -12.26 -8.07 11.49
CA CYS A 190 -13.53 -7.41 11.21
C CYS A 190 -14.04 -7.80 9.82
N GLN A 191 -13.14 -8.18 8.93
CA GLN A 191 -13.53 -8.62 7.58
C GLN A 191 -12.47 -9.54 7.00
N GLU A 192 -12.85 -10.79 6.75
CA GLU A 192 -11.95 -11.81 6.24
C GLU A 192 -11.72 -11.83 4.73
N ARG A 193 -12.66 -11.29 3.98
CA ARG A 193 -12.54 -11.29 2.53
C ARG A 193 -13.03 -9.98 1.94
N MSE A 194 -12.17 -8.97 1.92
CA MSE A 194 -12.57 -7.69 1.35
C MSE A 194 -12.51 -7.75 -0.16
O MSE A 194 -11.52 -8.22 -0.73
CB MSE A 194 -11.69 -6.57 1.87
CG MSE A 194 -11.84 -6.31 3.33
SE MSE A 194 -11.16 -4.58 3.74
CE MSE A 194 -9.33 -4.89 3.36
N ARG A 195 -13.56 -7.28 -0.81
CA ARG A 195 -13.64 -7.27 -2.26
C ARG A 195 -14.24 -5.95 -2.69
N PHE A 196 -13.81 -5.43 -3.84
CA PHE A 196 -14.39 -4.19 -4.33
C PHE A 196 -15.81 -4.52 -4.71
N PRO A 197 -16.77 -3.61 -4.46
CA PRO A 197 -18.13 -3.96 -4.86
C PRO A 197 -18.16 -4.08 -6.38
N GLU A 198 -19.27 -4.57 -6.93
CA GLU A 198 -19.38 -4.75 -8.38
C GLU A 198 -19.00 -3.52 -9.19
N LYS A 199 -19.43 -2.34 -8.76
CA LYS A 199 -19.14 -1.11 -9.48
C LYS A 199 -18.68 0.05 -8.59
N GLY A 200 -17.83 0.91 -9.15
CA GLY A 200 -17.34 2.06 -8.41
C GLY A 200 -18.01 3.34 -8.92
N LYS A 201 -18.17 4.32 -8.03
CA LYS A 201 -18.82 5.60 -8.39
C LYS A 201 -18.09 6.79 -7.78
N THR A 202 -16.81 6.59 -7.45
CA THR A 202 -16.01 7.62 -6.84
C THR A 202 -14.61 7.65 -7.47
N TYR A 203 -14.10 8.83 -7.78
CA TYR A 203 -12.74 8.93 -8.31
C TYR A 203 -11.97 9.81 -7.32
N SER A 204 -10.69 9.45 -7.09
CA SER A 204 -9.81 10.16 -6.15
C SER A 204 -8.55 10.64 -6.85
N ILE A 205 -8.47 11.94 -7.07
CA ILE A 205 -7.31 12.49 -7.74
C ILE A 205 -7.18 13.94 -7.29
N ASN A 206 -5.97 14.49 -7.38
CA ASN A 206 -5.74 15.88 -7.00
C ASN A 206 -6.05 16.69 -8.24
N GLU A 207 -7.31 17.10 -8.39
CA GLU A 207 -7.73 17.84 -9.57
C GLU A 207 -7.11 19.23 -9.77
N GLY A 208 -6.47 19.77 -8.75
CA GLY A 208 -5.83 21.06 -8.90
C GLY A 208 -4.71 20.98 -9.95
N ASN A 209 -4.18 19.78 -10.13
CA ASN A 209 -3.09 19.52 -11.10
C ASN A 209 -3.62 19.19 -12.49
N TYR A 210 -4.87 19.56 -12.76
CA TYR A 210 -5.50 19.25 -14.04
C TYR A 210 -4.71 19.54 -15.32
N ILE A 211 -4.34 20.81 -15.54
CA ILE A 211 -3.64 21.19 -16.76
C ILE A 211 -2.36 20.41 -17.07
N LYS A 212 -1.74 19.83 -16.05
CA LYS A 212 -0.51 19.09 -16.27
C LYS A 212 -0.69 17.59 -16.46
N PHE A 213 -1.92 17.08 -16.27
CA PHE A 213 -2.15 15.66 -16.44
C PHE A 213 -2.12 15.24 -17.90
N PRO A 214 -1.86 13.96 -18.17
CA PRO A 214 -1.82 13.47 -19.55
C PRO A 214 -3.21 13.68 -20.14
N ASN A 215 -3.27 13.96 -21.43
CA ASN A 215 -4.53 14.21 -22.11
C ASN A 215 -5.56 13.10 -21.87
N GLY A 216 -5.12 11.86 -21.81
CA GLY A 216 -6.04 10.76 -21.58
C GLY A 216 -6.69 10.82 -20.21
N VAL A 217 -5.94 11.31 -19.22
CA VAL A 217 -6.43 11.44 -17.86
C VAL A 217 -7.43 12.61 -17.81
N LYS A 218 -7.12 13.68 -18.53
CA LYS A 218 -8.01 14.84 -18.54
C LYS A 218 -9.33 14.44 -19.17
N LYS A 219 -9.28 13.53 -20.13
CA LYS A 219 -10.48 13.05 -20.79
C LYS A 219 -11.30 12.19 -19.85
N TYR A 220 -10.62 11.33 -19.10
CA TYR A 220 -11.30 10.48 -18.13
C TYR A 220 -11.99 11.35 -17.07
N ILE A 221 -11.33 12.43 -16.66
CA ILE A 221 -11.94 13.30 -15.66
C ILE A 221 -13.22 13.89 -16.26
N LYS A 222 -13.17 14.30 -17.52
CA LYS A 222 -14.37 14.84 -18.16
C LYS A 222 -15.43 13.74 -18.21
N PHE A 223 -14.99 12.53 -18.54
CA PHE A 223 -15.88 11.37 -18.60
C PHE A 223 -16.62 11.25 -17.26
N CYS A 224 -15.85 11.26 -16.17
CA CYS A 224 -16.37 11.16 -14.80
C CYS A 224 -17.41 12.21 -14.43
N GLN A 225 -17.37 13.36 -15.07
CA GLN A 225 -18.29 14.44 -14.72
C GLN A 225 -19.51 14.59 -15.64
N GLU A 226 -19.61 13.75 -16.65
CA GLU A 226 -20.75 13.81 -17.55
C GLU A 226 -22.02 13.31 -16.86
N GLU A 227 -23.18 13.64 -17.42
CA GLU A 227 -24.45 13.22 -16.86
C GLU A 227 -24.92 11.97 -17.60
N ASP A 228 -24.88 10.83 -16.91
CA ASP A 228 -25.30 9.56 -17.48
C ASP A 228 -25.74 8.64 -16.35
N LYS A 229 -26.94 8.89 -15.83
CA LYS A 229 -27.49 8.10 -14.74
C LYS A 229 -27.36 6.59 -14.96
N SER A 230 -27.38 6.17 -16.23
CA SER A 230 -27.26 4.77 -16.58
C SER A 230 -25.95 4.13 -16.14
N THR A 231 -24.93 4.97 -15.92
CA THR A 231 -23.62 4.46 -15.49
C THR A 231 -23.17 5.11 -14.19
N ASN A 232 -24.14 5.66 -13.43
CA ASN A 232 -23.85 6.30 -12.16
C ASN A 232 -23.04 7.58 -12.28
N ARG A 233 -23.12 8.25 -13.42
CA ARG A 233 -22.37 9.48 -13.62
C ARG A 233 -23.27 10.71 -13.53
N PRO A 234 -22.71 11.84 -13.07
CA PRO A 234 -21.32 12.02 -12.63
C PRO A 234 -20.93 11.29 -11.35
N TYR A 235 -19.67 10.86 -11.27
CA TYR A 235 -19.21 10.16 -10.08
C TYR A 235 -19.03 11.18 -8.96
N THR A 236 -18.80 10.68 -7.74
CA THR A 236 -18.55 11.55 -6.61
C THR A 236 -17.04 11.72 -6.54
N SER A 237 -16.59 12.88 -6.04
CA SER A 237 -15.17 13.12 -5.91
C SER A 237 -14.77 13.05 -4.43
N ARG A 238 -13.72 12.30 -4.15
CA ARG A 238 -13.20 12.14 -2.80
C ARG A 238 -11.69 12.05 -2.90
N TYR A 239 -10.99 12.86 -2.11
CA TYR A 239 -9.54 12.83 -2.12
C TYR A 239 -9.04 13.34 -0.78
N ILE A 240 -8.65 12.42 0.08
CA ILE A 240 -8.16 12.71 1.42
C ILE A 240 -6.73 13.22 1.45
N GLY A 241 -5.91 12.79 0.49
CA GLY A 241 -4.53 13.24 0.47
C GLY A 241 -3.60 12.20 1.07
N SER A 242 -4.16 11.05 1.39
CA SER A 242 -3.38 9.95 1.93
C SER A 242 -3.70 8.72 1.09
N LEU A 243 -2.69 8.19 0.40
CA LEU A 243 -2.90 7.00 -0.44
C LEU A 243 -3.61 5.87 0.32
N VAL A 244 -3.16 5.60 1.54
CA VAL A 244 -3.75 4.54 2.35
C VAL A 244 -5.25 4.76 2.61
N ALA A 245 -5.62 5.96 3.04
CA ALA A 245 -7.02 6.24 3.35
C ALA A 245 -7.94 6.28 2.13
N ASP A 246 -7.47 6.86 1.03
CA ASP A 246 -8.31 6.89 -0.17
C ASP A 246 -8.50 5.47 -0.71
N PHE A 247 -7.43 4.68 -0.68
CA PHE A 247 -7.48 3.29 -1.15
C PHE A 247 -8.50 2.52 -0.31
N HIS A 248 -8.32 2.56 1.00
CA HIS A 248 -9.21 1.86 1.93
C HIS A 248 -10.67 2.19 1.67
N ARG A 249 -11.02 3.47 1.58
CA ARG A 249 -12.41 3.84 1.30
C ARG A 249 -12.89 3.25 -0.03
N ASN A 250 -12.10 3.43 -1.08
CA ASN A 250 -12.45 2.93 -2.40
C ASN A 250 -12.64 1.44 -2.46
N LEU A 251 -11.88 0.72 -1.65
CA LEU A 251 -11.95 -0.72 -1.60
C LEU A 251 -13.28 -1.18 -1.00
N LEU A 252 -13.73 -0.48 0.03
CA LEU A 252 -14.99 -0.81 0.70
C LEU A 252 -16.23 -0.31 -0.03
N LYS A 253 -16.12 0.85 -0.67
CA LYS A 253 -17.26 1.45 -1.36
C LYS A 253 -17.15 1.44 -2.87
N GLY A 254 -16.00 1.03 -3.38
CA GLY A 254 -15.81 1.02 -4.81
C GLY A 254 -15.29 2.38 -5.22
N GLY A 255 -14.41 2.41 -6.20
CA GLY A 255 -13.88 3.67 -6.65
C GLY A 255 -12.50 3.47 -7.24
N ILE A 256 -11.90 4.56 -7.69
CA ILE A 256 -10.57 4.50 -8.29
C ILE A 256 -9.71 5.63 -7.79
N TYR A 257 -8.44 5.35 -7.54
CA TYR A 257 -7.48 6.35 -7.09
C TYR A 257 -6.48 6.57 -8.22
N LEU A 258 -6.18 7.84 -8.50
CA LEU A 258 -5.26 8.17 -9.57
C LEU A 258 -4.17 9.17 -9.19
N TYR A 259 -2.96 8.89 -9.63
CA TYR A 259 -1.82 9.77 -9.44
C TYR A 259 -0.93 9.57 -10.66
N PRO A 260 -1.23 10.31 -11.74
CA PRO A 260 -0.50 10.26 -13.02
C PRO A 260 0.75 11.13 -12.99
N SER A 261 1.47 11.15 -14.11
CA SER A 261 2.68 11.95 -14.20
C SER A 261 2.30 13.41 -14.47
N THR A 262 3.27 14.30 -14.28
CA THR A 262 3.09 15.73 -14.50
C THR A 262 4.45 16.40 -14.59
N ALA A 263 4.47 17.72 -14.38
CA ALA A 263 5.70 18.48 -14.42
C ALA A 263 6.55 18.17 -13.20
N SER A 264 5.96 18.31 -12.02
CA SER A 264 6.65 18.05 -10.77
C SER A 264 7.11 16.61 -10.65
N HIS A 265 6.45 15.71 -11.39
CA HIS A 265 6.79 14.30 -11.35
C HIS A 265 6.52 13.62 -12.70
N PRO A 266 7.50 13.69 -13.62
CA PRO A 266 7.43 13.10 -14.96
C PRO A 266 7.07 11.61 -14.98
N ASP A 267 7.48 10.88 -13.94
CA ASP A 267 7.20 9.45 -13.84
C ASP A 267 6.20 9.19 -12.72
N GLY A 268 5.42 10.20 -12.38
CA GLY A 268 4.46 10.05 -11.30
C GLY A 268 5.16 10.42 -10.01
N LYS A 269 4.42 10.45 -8.90
CA LYS A 269 5.01 10.79 -7.63
C LYS A 269 5.27 9.57 -6.76
N LEU A 270 4.38 8.59 -6.85
CA LEU A 270 4.48 7.40 -6.04
C LEU A 270 5.67 6.50 -6.37
N ARG A 271 6.25 5.92 -5.31
CA ARG A 271 7.37 5.01 -5.43
C ARG A 271 6.83 3.67 -5.90
N LEU A 272 7.48 3.10 -6.92
CA LEU A 272 7.04 1.82 -7.46
C LEU A 272 7.13 0.66 -6.46
N LEU A 273 8.23 0.61 -5.72
CA LEU A 273 8.44 -0.48 -4.79
C LEU A 273 7.84 -0.33 -3.39
N TYR A 274 7.85 0.89 -2.84
CA TYR A 274 7.32 1.15 -1.51
C TYR A 274 5.83 1.44 -1.43
N GLU A 275 5.25 1.88 -2.55
CA GLU A 275 3.84 2.23 -2.57
C GLU A 275 3.00 1.49 -3.61
N CYS A 276 3.38 1.60 -4.88
CA CYS A 276 2.61 0.96 -5.94
C CYS A 276 2.49 -0.56 -5.85
N ASN A 277 3.60 -1.27 -5.66
CA ASN A 277 3.54 -2.73 -5.60
C ASN A 277 2.70 -3.33 -4.48
N PRO A 278 2.92 -2.92 -3.23
CA PRO A 278 2.07 -3.53 -2.18
C PRO A 278 0.57 -3.24 -2.36
N MSE A 279 0.24 -2.01 -2.72
CA MSE A 279 -1.17 -1.63 -2.91
C MSE A 279 -1.74 -2.35 -4.14
O MSE A 279 -2.91 -2.73 -4.17
CB MSE A 279 -1.30 -0.11 -3.07
CG MSE A 279 -0.81 0.69 -1.86
SE MSE A 279 -1.57 0.12 -0.15
CE MSE A 279 -3.06 1.34 -0.07
N ALA A 280 -0.89 -2.56 -5.15
CA ALA A 280 -1.29 -3.25 -6.36
C ALA A 280 -1.61 -4.71 -6.04
N PHE A 281 -0.78 -5.33 -5.21
CA PHE A 281 -0.97 -6.72 -4.81
C PHE A 281 -2.29 -6.80 -4.03
N LEU A 282 -2.53 -5.82 -3.16
CA LEU A 282 -3.76 -5.80 -2.37
C LEU A 282 -4.99 -5.57 -3.25
N ALA A 283 -4.88 -4.65 -4.20
CA ALA A 283 -5.99 -4.36 -5.08
C ALA A 283 -6.37 -5.60 -5.91
N GLU A 284 -5.37 -6.27 -6.46
CA GLU A 284 -5.63 -7.46 -7.26
C GLU A 284 -6.26 -8.58 -6.44
N GLN A 285 -5.82 -8.74 -5.20
CA GLN A 285 -6.36 -9.79 -4.34
C GLN A 285 -7.79 -9.49 -3.92
N ALA A 286 -8.22 -8.25 -4.11
CA ALA A 286 -9.58 -7.82 -3.75
C ALA A 286 -10.48 -7.81 -4.98
N GLY A 287 -9.94 -8.25 -6.11
CA GLY A 287 -10.72 -8.30 -7.34
C GLY A 287 -10.66 -7.01 -8.14
N GLY A 288 -9.71 -6.15 -7.77
CA GLY A 288 -9.56 -4.88 -8.45
C GLY A 288 -8.42 -4.91 -9.45
N LYS A 289 -7.96 -3.73 -9.89
CA LYS A 289 -6.88 -3.64 -10.86
C LYS A 289 -5.95 -2.48 -10.55
N ALA A 290 -4.68 -2.63 -10.92
CA ALA A 290 -3.67 -1.60 -10.67
C ALA A 290 -2.69 -1.55 -11.82
N SER A 291 -2.58 -0.38 -12.45
CA SER A 291 -1.68 -0.21 -13.59
C SER A 291 -1.06 1.19 -13.64
N ASP A 292 -0.06 1.36 -14.50
CA ASP A 292 0.58 2.65 -14.66
C ASP A 292 -0.10 3.37 -15.81
N GLY A 293 -1.26 2.84 -16.20
CA GLY A 293 -2.01 3.44 -17.29
C GLY A 293 -1.84 2.69 -18.59
N LYS A 294 -0.90 1.76 -18.61
CA LYS A 294 -0.63 0.97 -19.79
C LYS A 294 -0.39 -0.49 -19.44
N GLU A 295 0.50 -0.72 -18.47
CA GLU A 295 0.84 -2.07 -18.06
C GLU A 295 0.57 -2.36 -16.59
N ARG A 296 0.54 -3.65 -16.27
CA ARG A 296 0.29 -4.12 -14.91
C ARG A 296 1.43 -3.74 -13.98
N ILE A 297 1.12 -3.01 -12.91
CA ILE A 297 2.13 -2.58 -11.95
C ILE A 297 3.01 -3.73 -11.47
N LEU A 298 2.39 -4.83 -11.07
CA LEU A 298 3.11 -6.01 -10.56
C LEU A 298 4.10 -6.71 -11.49
N ASP A 299 4.00 -6.46 -12.80
CA ASP A 299 4.92 -7.10 -13.73
C ASP A 299 6.05 -6.21 -14.19
N ILE A 300 6.07 -4.96 -13.72
CA ILE A 300 7.13 -4.03 -14.07
C ILE A 300 8.43 -4.48 -13.42
N ILE A 301 9.51 -4.54 -14.19
CA ILE A 301 10.81 -4.92 -13.66
C ILE A 301 11.48 -3.65 -13.13
N PRO A 302 11.68 -3.56 -11.80
CA PRO A 302 12.31 -2.39 -11.18
C PRO A 302 13.67 -2.04 -11.78
N GLU A 303 13.89 -0.75 -12.01
CA GLU A 303 15.16 -0.29 -12.55
C GLU A 303 16.03 0.25 -11.41
N THR A 304 15.41 0.94 -10.47
CA THR A 304 16.13 1.48 -9.32
C THR A 304 15.27 1.39 -8.05
N LEU A 305 15.92 1.52 -6.89
CA LEU A 305 15.22 1.45 -5.61
C LEU A 305 14.16 2.51 -5.47
N HIS A 306 14.47 3.74 -5.88
CA HIS A 306 13.51 4.82 -5.73
C HIS A 306 12.70 5.18 -6.97
N GLN A 307 12.58 4.22 -7.89
CA GLN A 307 11.82 4.44 -9.10
C GLN A 307 10.39 4.85 -8.81
N ARG A 308 9.92 5.89 -9.48
CA ARG A 308 8.55 6.36 -9.30
C ARG A 308 7.74 5.82 -10.47
N ARG A 309 6.40 5.87 -10.37
CA ARG A 309 5.55 5.35 -11.44
C ARG A 309 4.15 5.94 -11.38
N SER A 310 3.53 6.10 -12.56
CA SER A 310 2.16 6.60 -12.62
C SER A 310 1.37 5.47 -11.99
N PHE A 311 0.26 5.78 -11.34
CA PHE A 311 -0.50 4.74 -10.66
C PHE A 311 -2.00 4.97 -10.73
N PHE A 312 -2.73 3.93 -11.15
CA PHE A 312 -4.19 3.95 -11.25
C PHE A 312 -4.68 2.63 -10.65
N VAL A 313 -5.44 2.70 -9.57
CA VAL A 313 -5.90 1.50 -8.90
C VAL A 313 -7.33 1.60 -8.35
N GLY A 314 -8.04 0.47 -8.34
CA GLY A 314 -9.40 0.44 -7.85
C GLY A 314 -10.24 -0.58 -8.59
N ASN A 315 -11.54 -0.29 -8.74
CA ASN A 315 -12.43 -1.18 -9.47
C ASN A 315 -11.88 -1.43 -10.87
N ASP A 316 -11.92 -2.68 -11.31
CA ASP A 316 -11.42 -3.06 -12.63
C ASP A 316 -11.95 -2.26 -13.81
N HIS A 317 -13.26 -2.02 -13.86
CA HIS A 317 -13.83 -1.30 -14.98
C HIS A 317 -13.38 0.16 -15.05
N MSE A 318 -13.16 0.78 -13.90
CA MSE A 318 -12.74 2.17 -13.87
C MSE A 318 -11.33 2.35 -14.39
O MSE A 318 -11.07 3.24 -15.19
CB MSE A 318 -12.86 2.74 -12.44
CG MSE A 318 -14.28 2.71 -11.92
SE MSE A 318 -14.51 3.45 -10.18
CE MSE A 318 -15.09 5.22 -10.66
N VAL A 319 -10.42 1.47 -13.94
CA VAL A 319 -9.02 1.52 -14.39
C VAL A 319 -8.96 1.24 -15.88
N GLU A 320 -9.85 0.38 -16.36
CA GLU A 320 -9.89 0.05 -17.78
C GLU A 320 -10.30 1.29 -18.58
N ASP A 321 -11.33 1.98 -18.11
CA ASP A 321 -11.77 3.20 -18.79
C ASP A 321 -10.59 4.15 -18.90
N VAL A 322 -9.78 4.21 -17.83
CA VAL A 322 -8.61 5.08 -17.80
C VAL A 322 -7.61 4.65 -18.88
N GLU A 323 -7.29 3.36 -18.93
CA GLU A 323 -6.34 2.86 -19.91
C GLU A 323 -6.84 3.12 -21.33
N ARG A 324 -8.15 3.00 -21.52
CA ARG A 324 -8.73 3.24 -22.82
C ARG A 324 -8.55 4.70 -23.25
N PHE A 325 -8.86 5.63 -22.35
CA PHE A 325 -8.73 7.05 -22.68
C PHE A 325 -7.29 7.42 -22.97
N ILE A 326 -6.36 6.79 -22.26
CA ILE A 326 -4.95 7.08 -22.49
C ILE A 326 -4.60 6.57 -23.89
N ARG A 327 -5.18 5.42 -24.23
CA ARG A 327 -4.99 4.78 -25.51
C ARG A 327 -5.50 5.69 -26.64
N GLU A 328 -6.72 6.19 -26.48
CA GLU A 328 -7.34 7.02 -27.50
C GLU A 328 -6.87 8.47 -27.52
N PHE A 329 -6.17 8.90 -26.47
CA PHE A 329 -5.66 10.26 -26.40
C PHE A 329 -4.24 10.24 -25.83
N PRO A 330 -3.25 9.90 -26.67
CA PRO A 330 -1.84 9.83 -26.26
C PRO A 330 -1.19 11.20 -26.07
N ASP A 331 -0.03 11.21 -25.42
CA ASP A 331 0.73 12.43 -25.15
C ASP A 331 0.20 13.24 -23.96
N ALA A 332 1.04 13.40 -22.95
CA ALA A 332 0.67 14.13 -21.74
C ALA A 332 0.96 15.62 -21.88
O1 F6P B . 2.66 8.79 -1.57
C1 F6P B . 2.81 10.07 -0.97
C2 F6P B . 1.46 10.77 -0.84
O2 F6P B . 1.41 11.51 0.37
C3 F6P B . 0.26 9.84 -0.93
O3 F6P B . -0.02 9.33 0.36
C4 F6P B . -0.84 10.77 -1.44
O4 F6P B . -1.78 10.04 -2.21
C5 F6P B . -0.07 11.75 -2.32
O5 F6P B . 1.33 11.69 -1.91
C6 F6P B . -0.56 13.18 -2.19
O6 F6P B . 0.05 13.96 -3.21
P F6P B . -0.55 15.43 -3.59
O1P F6P B . -0.34 16.28 -2.35
O2P F6P B . 0.27 15.93 -4.78
O3P F6P B . -2.01 15.19 -3.93
C1 CIT C . -3.23 -9.67 18.30
O1 CIT C . -3.03 -10.47 17.36
O2 CIT C . -3.44 -8.45 18.06
C2 CIT C . -3.25 -10.18 19.75
C3 CIT C . -2.09 -11.17 20.05
O7 CIT C . -0.83 -10.62 19.61
C4 CIT C . -2.02 -11.47 21.57
C5 CIT C . -1.58 -10.26 22.35
O3 CIT C . -2.37 -9.66 23.08
O4 CIT C . -0.39 -9.86 22.25
C6 CIT C . -2.35 -12.51 19.35
O5 CIT C . -3.51 -12.99 19.33
O6 CIT C . -1.41 -13.11 18.77
#